data_3ROM
#
_entry.id   3ROM
#
_cell.length_a   41.914
_cell.length_b   50.847
_cell.length_c   68.617
_cell.angle_alpha   65.210
_cell.angle_beta   83.600
_cell.angle_gamma   82.520
#
_symmetry.space_group_name_H-M   'P 1'
#
loop_
_entity.id
_entity.type
_entity.pdbx_description
1 polymer 'ADP-ribosyl cyclase 1'
2 non-polymer 2-deoxy-2-fluoro-5-O-thiophosphono-alpha-D-arabinofuranose
3 water water
#
_entity_poly.entity_id   1
_entity_poly.type   'polypeptide(L)'
_entity_poly.pdbx_seq_one_letter_code
;EFRWRQTWSGPGTTKRFPETVLARCVKYTEIHPEMRHVDCQSVWDAFKGAFISKHPCDITEEDYQPLMKLGTQTVPCNKI
LLWSRIKDLAHQFTQVQRDMFTLEDTLLGYLADDLTWCGEFDTSKINYQSCPDWRKDCSNNPVSVFWKTVSRRFAEAACD
VVHVMLDGSRSKIFDKDSTFGSVEVHNLQPEKVQTLEAWVIHGGREDSRDLCQDPTIKELESIISKRNIQFSCKNIYRPD
KFLQCVKNPEDSSC
;
_entity_poly.pdbx_strand_id   A,B
#
# COMPACT_ATOMS: atom_id res chain seq x y z
N ARG A 3 -8.90 -37.27 6.17
CA ARG A 3 -8.17 -37.77 4.96
C ARG A 3 -9.09 -38.00 3.75
N TRP A 4 -10.35 -38.36 4.02
CA TRP A 4 -11.38 -38.37 2.99
C TRP A 4 -12.04 -36.99 2.83
N ARG A 5 -11.69 -36.08 3.75
CA ARG A 5 -12.26 -34.73 3.79
C ARG A 5 -11.21 -33.75 4.33
N GLN A 6 -10.52 -33.05 3.44
CA GLN A 6 -9.45 -32.13 3.83
C GLN A 6 -9.95 -30.75 4.26
N THR A 7 -9.17 -30.07 5.10
CA THR A 7 -9.57 -28.80 5.67
C THR A 7 -9.78 -27.73 4.59
N TRP A 8 -8.89 -27.71 3.61
CA TRP A 8 -8.90 -26.70 2.55
C TRP A 8 -9.13 -27.34 1.19
N SER A 9 -9.30 -26.51 0.17
CA SER A 9 -9.58 -26.96 -1.20
C SER A 9 -8.33 -27.05 -2.06
N GLY A 10 -7.28 -26.31 -1.72
CA GLY A 10 -6.06 -26.31 -2.53
C GLY A 10 -5.14 -27.48 -2.23
N PRO A 11 -4.12 -27.69 -3.10
CA PRO A 11 -3.13 -28.72 -2.84
C PRO A 11 -2.36 -28.46 -1.56
N GLY A 12 -1.93 -29.50 -0.89
CA GLY A 12 -1.12 -29.37 0.32
C GLY A 12 0.27 -28.91 -0.03
N THR A 13 1.09 -28.64 0.98
CA THR A 13 2.45 -28.19 0.80
C THR A 13 3.21 -29.19 -0.06
N THR A 14 3.94 -28.69 -1.05
CA THR A 14 4.61 -29.55 -2.04
C THR A 14 5.48 -30.58 -1.33
N LYS A 15 5.44 -31.83 -1.80
CA LYS A 15 6.31 -32.88 -1.26
C LYS A 15 7.74 -32.37 -1.15
N ARG A 16 8.38 -32.61 -0.01
CA ARG A 16 9.79 -32.24 0.22
C ARG A 16 10.05 -30.73 0.18
N PHE A 17 9.03 -29.92 0.46
CA PHE A 17 9.12 -28.46 0.43
C PHE A 17 10.36 -27.92 1.16
N PRO A 18 10.60 -28.35 2.41
CA PRO A 18 11.81 -27.90 3.09
C PRO A 18 13.10 -28.22 2.32
N GLU A 19 13.25 -29.46 1.85
CA GLU A 19 14.44 -29.85 1.10
C GLU A 19 14.58 -29.00 -0.17
N THR A 20 13.48 -28.83 -0.88
CA THR A 20 13.49 -28.15 -2.18
C THR A 20 13.89 -26.68 -2.05
N VAL A 21 13.25 -25.97 -1.12
CA VAL A 21 13.58 -24.56 -0.87
C VAL A 21 15.07 -24.40 -0.53
N LEU A 22 15.56 -25.30 0.32
CA LEU A 22 16.95 -25.27 0.78
C LEU A 22 17.94 -25.57 -0.36
N ALA A 23 17.59 -26.53 -1.22
CA ALA A 23 18.45 -26.91 -2.34
C ALA A 23 18.43 -25.82 -3.41
N ARG A 24 17.26 -25.24 -3.63
CA ARG A 24 17.10 -24.10 -4.55
C ARG A 24 17.91 -22.87 -4.11
N CYS A 25 17.94 -22.61 -2.81
CA CYS A 25 18.72 -21.49 -2.28
C CYS A 25 20.23 -21.70 -2.49
N VAL A 26 20.69 -22.93 -2.28
CA VAL A 26 22.10 -23.27 -2.46
C VAL A 26 22.50 -23.11 -3.92
N LYS A 27 21.73 -23.73 -4.82
CA LYS A 27 21.98 -23.63 -6.25
C LYS A 27 22.00 -22.18 -6.73
N TYR A 28 21.00 -21.40 -6.29
CA TYR A 28 20.91 -19.99 -6.70
C TYR A 28 22.13 -19.17 -6.28
N THR A 29 22.51 -19.29 -5.02
CA THR A 29 23.62 -18.53 -4.46
C THR A 29 24.98 -19.01 -5.01
N GLU A 30 25.03 -20.27 -5.43
CA GLU A 30 26.20 -20.80 -6.14
C GLU A 30 26.33 -20.24 -7.56
N ILE A 31 25.21 -20.09 -8.25
CA ILE A 31 25.20 -19.60 -9.63
C ILE A 31 25.36 -18.07 -9.71
N HIS A 32 24.72 -17.36 -8.78
CA HIS A 32 24.70 -15.90 -8.80
C HIS A 32 25.68 -15.31 -7.78
N PRO A 33 26.79 -14.72 -8.27
CA PRO A 33 27.88 -14.29 -7.37
C PRO A 33 27.51 -13.19 -6.38
N GLU A 34 26.64 -12.26 -6.78
CA GLU A 34 26.22 -11.17 -5.89
C GLU A 34 25.50 -11.66 -4.61
N MET A 35 24.92 -12.86 -4.64
CA MET A 35 24.21 -13.42 -3.48
C MET A 35 25.03 -14.47 -2.71
N ARG A 36 26.33 -14.21 -2.55
CA ARG A 36 27.23 -15.09 -1.77
C ARG A 36 27.16 -14.84 -0.27
N HIS A 37 26.67 -13.66 0.12
CA HIS A 37 26.51 -13.31 1.53
C HIS A 37 25.30 -13.98 2.19
N VAL A 38 24.53 -14.76 1.42
CA VAL A 38 23.26 -15.33 1.90
C VAL A 38 23.46 -16.64 2.69
N ASP A 39 22.95 -16.66 3.91
CA ASP A 39 22.94 -17.89 4.73
C ASP A 39 21.64 -18.62 4.45
N CYS A 40 21.73 -19.73 3.70
CA CYS A 40 20.54 -20.39 3.20
C CYS A 40 19.68 -21.02 4.32
N GLN A 41 20.30 -21.39 5.44
CA GLN A 41 19.55 -21.90 6.60
C GLN A 41 18.75 -20.79 7.28
N SER A 42 19.35 -19.61 7.41
CA SER A 42 18.67 -18.44 7.96
C SER A 42 17.52 -17.98 7.05
N VAL A 43 17.68 -18.19 5.75
CA VAL A 43 16.64 -17.87 4.78
C VAL A 43 15.44 -18.81 4.94
N TRP A 44 15.70 -20.11 5.00
CA TRP A 44 14.65 -21.11 5.23
C TRP A 44 13.91 -20.81 6.54
N ASP A 45 14.67 -20.49 7.59
CA ASP A 45 14.08 -20.18 8.90
C ASP A 45 13.20 -18.92 8.85
N ALA A 46 13.63 -17.90 8.12
CA ALA A 46 12.80 -16.71 7.94
C ALA A 46 11.53 -17.06 7.13
N PHE A 47 11.70 -17.88 6.09
CA PHE A 47 10.59 -18.35 5.27
C PHE A 47 9.56 -19.06 6.17
N LYS A 48 10.04 -20.05 6.94
CA LYS A 48 9.21 -20.77 7.91
C LYS A 48 8.46 -19.89 8.90
N GLY A 49 9.17 -18.95 9.50
CA GLY A 49 8.59 -18.05 10.49
C GLY A 49 7.41 -17.22 9.98
N ALA A 50 7.33 -17.06 8.65
CA ALA A 50 6.23 -16.34 8.03
C ALA A 50 4.90 -17.06 8.13
N PHE A 51 4.91 -18.40 8.12
CA PHE A 51 3.66 -19.17 8.03
C PHE A 51 3.48 -20.33 9.03
N ILE A 52 4.56 -20.79 9.67
CA ILE A 52 4.46 -21.87 10.65
C ILE A 52 3.74 -21.38 11.90
N SER A 53 2.87 -22.22 12.47
CA SER A 53 2.09 -21.88 13.68
C SER A 53 1.19 -20.66 13.48
N LYS A 54 0.88 -20.36 12.22
CA LYS A 54 -0.02 -19.27 11.89
C LYS A 54 -1.22 -19.81 11.13
N HIS A 55 -2.37 -19.20 11.35
CA HIS A 55 -3.56 -19.58 10.63
C HIS A 55 -3.35 -19.24 9.14
N PRO A 56 -3.54 -20.22 8.25
CA PRO A 56 -3.23 -19.98 6.84
C PRO A 56 -4.23 -19.08 6.08
N CYS A 57 -5.18 -18.48 6.79
CA CYS A 57 -6.04 -17.46 6.21
C CYS A 57 -5.85 -16.10 6.88
N ASP A 58 -4.81 -15.98 7.70
CA ASP A 58 -4.49 -14.74 8.38
C ASP A 58 -3.02 -14.35 8.17
N ILE A 59 -2.50 -14.57 6.98
CA ILE A 59 -1.12 -14.21 6.69
C ILE A 59 -1.10 -12.76 6.21
N THR A 60 -0.06 -12.03 6.60
CA THR A 60 0.09 -10.62 6.23
C THR A 60 1.42 -10.42 5.53
N GLU A 61 1.59 -9.28 4.87
CA GLU A 61 2.90 -8.93 4.31
C GLU A 61 3.97 -8.80 5.40
N GLU A 62 3.55 -8.34 6.58
CA GLU A 62 4.45 -8.21 7.72
C GLU A 62 5.12 -9.55 8.08
N ASP A 63 4.36 -10.64 8.00
CA ASP A 63 4.88 -11.99 8.28
C ASP A 63 6.12 -12.31 7.45
N TYR A 64 6.16 -11.79 6.22
CA TYR A 64 7.23 -12.07 5.27
C TYR A 64 8.38 -11.06 5.28
N GLN A 65 8.31 -10.06 6.16
CA GLN A 65 9.30 -9.00 6.13
C GLN A 65 10.70 -9.48 6.52
N PRO A 66 10.80 -10.41 7.49
CA PRO A 66 12.14 -10.96 7.76
C PRO A 66 12.73 -11.68 6.54
N LEU A 67 11.89 -12.40 5.79
CA LEU A 67 12.34 -13.06 4.56
C LEU A 67 12.71 -12.03 3.47
N MET A 68 11.90 -10.98 3.34
CA MET A 68 12.19 -9.91 2.37
C MET A 68 13.55 -9.25 2.66
N LYS A 69 13.83 -9.04 3.94
CA LYS A 69 15.09 -8.44 4.37
C LYS A 69 16.29 -9.31 4.01
N LEU A 70 16.19 -10.62 4.28
CA LEU A 70 17.28 -11.54 3.96
C LEU A 70 17.45 -11.74 2.45
N GLY A 71 16.35 -11.65 1.71
CA GLY A 71 16.36 -11.85 0.27
C GLY A 71 16.50 -10.57 -0.55
N THR A 72 16.77 -9.45 0.12
CA THR A 72 17.06 -8.17 -0.56
C THR A 72 18.12 -8.37 -1.63
N GLN A 73 17.85 -7.88 -2.84
CA GLN A 73 18.72 -8.10 -3.98
C GLN A 73 18.60 -6.93 -4.95
N THR A 74 19.74 -6.44 -5.43
CA THR A 74 19.73 -5.37 -6.42
C THR A 74 19.72 -6.02 -7.81
N VAL A 75 18.71 -5.69 -8.59
CA VAL A 75 18.54 -6.25 -9.93
C VAL A 75 18.67 -5.09 -10.93
N PRO A 76 19.30 -5.31 -12.09
CA PRO A 76 19.35 -4.26 -13.11
C PRO A 76 17.94 -3.75 -13.43
N CYS A 77 17.66 -2.52 -13.05
CA CYS A 77 16.28 -2.03 -13.04
C CYS A 77 15.66 -1.90 -14.44
N ASN A 78 16.52 -1.70 -15.43
CA ASN A 78 16.09 -1.52 -16.82
C ASN A 78 15.94 -2.81 -17.64
N LYS A 79 16.23 -3.96 -17.03
CA LYS A 79 16.17 -5.26 -17.70
C LYS A 79 15.11 -6.22 -17.11
N ILE A 80 13.98 -5.66 -16.68
CA ILE A 80 12.96 -6.48 -16.07
C ILE A 80 11.91 -6.94 -17.10
N LEU A 81 11.56 -8.24 -17.03
CA LEU A 81 10.45 -8.81 -17.80
C LEU A 81 9.36 -9.29 -16.85
N LEU A 82 8.21 -8.64 -16.89
CA LEU A 82 7.05 -9.12 -16.16
C LEU A 82 6.29 -10.06 -17.09
N TRP A 83 5.33 -10.81 -16.54
CA TRP A 83 4.48 -11.64 -17.37
C TRP A 83 3.14 -11.82 -16.71
N SER A 84 2.16 -12.23 -17.51
CA SER A 84 0.85 -12.60 -17.01
C SER A 84 0.34 -13.79 -17.80
N ARG A 85 0.11 -14.91 -17.12
CA ARG A 85 -0.49 -16.12 -17.71
C ARG A 85 0.33 -16.79 -18.83
N ILE A 86 1.64 -16.52 -18.87
CA ILE A 86 2.51 -17.10 -19.89
C ILE A 86 3.93 -17.33 -19.32
N LYS A 87 3.94 -17.90 -18.12
CA LYS A 87 5.15 -18.16 -17.33
C LYS A 87 6.21 -18.97 -18.08
N ASP A 88 5.80 -20.04 -18.74
CA ASP A 88 6.75 -20.95 -19.41
C ASP A 88 7.61 -20.23 -20.45
N LEU A 89 6.98 -19.48 -21.35
CA LEU A 89 7.72 -18.77 -22.40
C LEU A 89 8.61 -17.68 -21.82
N ALA A 90 8.09 -16.96 -20.81
CA ALA A 90 8.88 -15.94 -20.14
C ALA A 90 10.20 -16.52 -19.62
N HIS A 91 10.13 -17.67 -18.97
CA HIS A 91 11.32 -18.31 -18.40
C HIS A 91 12.23 -18.88 -19.46
N GLN A 92 11.65 -19.49 -20.49
CA GLN A 92 12.41 -19.94 -21.65
C GLN A 92 13.19 -18.79 -22.26
N PHE A 93 12.54 -17.63 -22.38
CA PHE A 93 13.19 -16.43 -22.90
C PHE A 93 14.37 -16.00 -22.03
N THR A 94 14.19 -15.88 -20.72
CA THR A 94 15.29 -15.42 -19.87
C THR A 94 16.41 -16.47 -19.67
N GLN A 95 16.13 -17.75 -19.90
CA GLN A 95 17.19 -18.76 -19.91
C GLN A 95 18.12 -18.62 -21.12
N VAL A 96 17.66 -17.91 -22.15
CA VAL A 96 18.44 -17.68 -23.37
C VAL A 96 18.98 -16.23 -23.44
N GLN A 97 18.12 -15.27 -23.11
CA GLN A 97 18.52 -13.86 -23.06
C GLN A 97 18.92 -13.51 -21.61
N ARG A 98 20.17 -13.81 -21.27
CA ARG A 98 20.62 -13.80 -19.86
C ARG A 98 20.72 -12.44 -19.17
N ASP A 99 20.70 -11.35 -19.94
CA ASP A 99 20.70 -10.02 -19.34
C ASP A 99 19.29 -9.56 -18.87
N MET A 100 18.24 -10.33 -19.18
CA MET A 100 16.88 -10.00 -18.76
C MET A 100 16.41 -10.88 -17.61
N PHE A 101 15.57 -10.31 -16.74
CA PHE A 101 15.18 -10.96 -15.49
C PHE A 101 13.65 -10.97 -15.29
N THR A 102 13.11 -12.14 -15.00
CA THR A 102 11.76 -12.24 -14.44
C THR A 102 11.91 -12.33 -12.93
N LEU A 103 10.77 -12.27 -12.25
CA LEU A 103 10.74 -12.38 -10.80
C LEU A 103 11.32 -13.71 -10.35
N GLU A 104 11.08 -14.76 -11.13
CA GLU A 104 11.55 -16.09 -10.79
C GLU A 104 13.05 -16.28 -11.07
N ASP A 105 13.70 -15.25 -11.64
CA ASP A 105 15.15 -15.20 -11.77
C ASP A 105 15.80 -14.46 -10.60
N THR A 106 15.01 -13.93 -9.67
CA THR A 106 15.53 -13.41 -8.41
C THR A 106 15.56 -14.53 -7.38
N LEU A 107 16.31 -14.35 -6.30
CA LEU A 107 16.39 -15.35 -5.24
C LEU A 107 15.00 -15.79 -4.77
N LEU A 108 14.23 -14.85 -4.26
CA LEU A 108 12.95 -15.17 -3.60
C LEU A 108 11.98 -15.85 -4.57
N GLY A 109 11.95 -15.37 -5.80
CA GLY A 109 11.10 -15.97 -6.82
C GLY A 109 11.55 -17.33 -7.24
N TYR A 110 12.86 -17.52 -7.33
CA TYR A 110 13.44 -18.83 -7.67
C TYR A 110 13.09 -19.87 -6.62
N LEU A 111 13.18 -19.50 -5.35
CA LEU A 111 12.87 -20.41 -4.23
C LEU A 111 11.45 -20.98 -4.29
N ALA A 112 10.48 -20.10 -4.56
CA ALA A 112 9.06 -20.37 -4.40
C ALA A 112 8.37 -20.83 -5.69
N ASP A 113 9.06 -20.68 -6.82
CA ASP A 113 8.47 -20.99 -8.13
C ASP A 113 7.84 -22.38 -8.19
N ASP A 114 6.56 -22.43 -8.56
CA ASP A 114 5.79 -23.68 -8.68
C ASP A 114 5.56 -24.45 -7.36
N LEU A 115 5.90 -23.85 -6.23
CA LEU A 115 5.69 -24.49 -4.93
C LEU A 115 4.42 -23.99 -4.25
N THR A 116 3.85 -24.84 -3.40
CA THR A 116 2.73 -24.51 -2.50
C THR A 116 3.17 -24.83 -1.09
N TRP A 117 2.68 -24.08 -0.12
CA TRP A 117 3.00 -24.31 1.29
C TRP A 117 1.97 -23.66 2.18
N CYS A 118 1.76 -24.27 3.35
CA CYS A 118 0.99 -23.66 4.42
C CYS A 118 1.22 -24.39 5.73
N GLY A 119 0.90 -23.70 6.81
CA GLY A 119 1.03 -24.24 8.15
C GLY A 119 -0.36 -24.47 8.69
N GLU A 120 -0.43 -24.61 10.01
CA GLU A 120 -1.70 -24.87 10.71
C GLU A 120 -1.74 -23.93 11.90
N PHE A 121 -2.93 -23.52 12.32
CA PHE A 121 -2.98 -22.63 13.49
C PHE A 121 -2.74 -23.39 14.80
N ASP A 122 -3.14 -24.66 14.84
CA ASP A 122 -3.17 -25.40 16.11
C ASP A 122 -1.95 -26.30 16.36
N THR A 123 -1.01 -26.34 15.41
CA THR A 123 0.26 -27.05 15.61
C THR A 123 1.37 -26.25 14.96
N SER A 124 2.61 -26.70 15.14
CA SER A 124 3.78 -26.07 14.52
C SER A 124 4.19 -26.83 13.26
N LYS A 125 3.32 -27.69 12.77
CA LYS A 125 3.61 -28.52 11.59
C LYS A 125 3.28 -27.81 10.29
N ILE A 126 3.99 -28.23 9.23
CA ILE A 126 3.66 -27.88 7.86
C ILE A 126 2.50 -28.78 7.47
N ASN A 127 1.53 -28.25 6.71
CA ASN A 127 0.36 -29.01 6.25
C ASN A 127 0.61 -29.52 4.83
N TYR A 128 0.92 -30.82 4.74
CA TYR A 128 1.16 -31.47 3.44
C TYR A 128 -0.12 -32.03 2.83
N GLN A 129 -1.25 -31.86 3.52
CA GLN A 129 -2.53 -32.45 3.08
C GLN A 129 -3.40 -31.51 2.23
N SER A 130 -3.57 -30.27 2.68
CA SER A 130 -4.27 -29.26 1.88
C SER A 130 -3.88 -27.85 2.30
N CYS A 131 -4.05 -26.90 1.37
CA CYS A 131 -3.79 -25.48 1.64
C CYS A 131 -4.87 -24.63 1.04
N PRO A 132 -5.09 -23.42 1.60
CA PRO A 132 -6.19 -22.60 1.10
C PRO A 132 -6.06 -22.21 -0.36
N ASP A 133 -7.13 -22.38 -1.12
CA ASP A 133 -7.23 -21.84 -2.46
C ASP A 133 -7.64 -20.36 -2.38
N TRP A 134 -7.02 -19.55 -3.22
CA TRP A 134 -7.25 -18.11 -3.24
C TRP A 134 -8.73 -17.74 -3.40
N ARG A 135 -9.44 -18.45 -4.29
CA ARG A 135 -10.85 -18.19 -4.55
C ARG A 135 -11.78 -18.97 -3.61
N LYS A 136 -11.58 -20.28 -3.51
CA LYS A 136 -12.52 -21.17 -2.80
C LYS A 136 -12.42 -21.10 -1.28
N ASP A 137 -11.27 -20.66 -0.75
CA ASP A 137 -11.03 -20.65 0.70
C ASP A 137 -10.84 -19.24 1.25
N CYS A 138 -9.68 -18.65 0.96
CA CYS A 138 -9.32 -17.34 1.48
C CYS A 138 -8.13 -16.76 0.71
N SER A 139 -8.12 -15.44 0.53
CA SER A 139 -7.05 -14.78 -0.24
C SER A 139 -5.79 -14.46 0.58
N ASN A 140 -5.91 -14.36 1.91
CA ASN A 140 -4.76 -14.04 2.77
C ASN A 140 -4.03 -15.31 3.23
N ASN A 141 -3.64 -16.12 2.25
CA ASN A 141 -2.97 -17.38 2.47
C ASN A 141 -1.46 -17.22 2.21
N PRO A 142 -0.65 -18.16 2.72
CA PRO A 142 0.81 -18.04 2.61
C PRO A 142 1.36 -17.82 1.20
N VAL A 143 0.85 -18.56 0.24
CA VAL A 143 1.31 -18.46 -1.15
C VAL A 143 0.93 -17.13 -1.80
N SER A 144 -0.36 -16.82 -1.77
CA SER A 144 -0.85 -15.60 -2.36
C SER A 144 -0.21 -14.36 -1.75
N VAL A 145 -0.07 -14.33 -0.42
CA VAL A 145 0.51 -13.18 0.25
C VAL A 145 2.01 -13.07 -0.09
N PHE A 146 2.69 -14.20 -0.21
CA PHE A 146 4.09 -14.20 -0.60
C PHE A 146 4.25 -13.55 -1.97
N TRP A 147 3.49 -14.02 -2.96
CA TRP A 147 3.63 -13.50 -4.31
C TRP A 147 3.21 -12.03 -4.44
N LYS A 148 2.19 -11.61 -3.69
CA LYS A 148 1.83 -10.21 -3.68
C LYS A 148 2.99 -9.35 -3.15
N THR A 149 3.58 -9.80 -2.03
CA THR A 149 4.63 -9.05 -1.36
C THR A 149 5.88 -8.91 -2.23
N VAL A 150 6.35 -10.02 -2.77
CA VAL A 150 7.58 -10.00 -3.58
C VAL A 150 7.36 -9.36 -4.96
N SER A 151 6.18 -9.53 -5.56
CA SER A 151 5.82 -8.88 -6.83
C SER A 151 5.79 -7.37 -6.73
N ARG A 152 5.25 -6.86 -5.61
CA ARG A 152 5.18 -5.42 -5.37
C ARG A 152 6.59 -4.85 -5.35
N ARG A 153 7.48 -5.46 -4.57
CA ARG A 153 8.87 -4.99 -4.43
C ARG A 153 9.59 -4.98 -5.77
N PHE A 154 9.45 -6.08 -6.51
CA PHE A 154 10.04 -6.24 -7.84
C PHE A 154 9.53 -5.19 -8.82
N ALA A 155 8.22 -4.98 -8.88
CA ALA A 155 7.67 -3.92 -9.73
C ALA A 155 8.17 -2.53 -9.31
N GLU A 156 8.29 -2.29 -8.01
CA GLU A 156 8.81 -1.01 -7.49
C GLU A 156 10.27 -0.75 -7.85
N ALA A 157 11.04 -1.82 -8.07
CA ALA A 157 12.44 -1.68 -8.42
C ALA A 157 12.64 -1.34 -9.89
N ALA A 158 11.61 -1.51 -10.72
CA ALA A 158 11.77 -1.38 -12.17
C ALA A 158 11.93 0.06 -12.64
N CYS A 159 12.67 0.22 -13.74
CA CYS A 159 12.95 1.56 -14.28
C CYS A 159 13.05 1.50 -15.81
N ASP A 160 13.08 2.67 -16.43
CA ASP A 160 13.31 2.80 -17.85
C ASP A 160 12.24 2.08 -18.66
N VAL A 161 12.61 1.14 -19.52
CA VAL A 161 11.61 0.39 -20.26
C VAL A 161 11.43 -0.96 -19.59
N VAL A 162 10.19 -1.21 -19.15
CA VAL A 162 9.80 -2.47 -18.55
C VAL A 162 8.97 -3.24 -19.57
N HIS A 163 9.26 -4.53 -19.74
CA HIS A 163 8.58 -5.37 -20.72
C HIS A 163 7.60 -6.30 -20.00
N VAL A 164 6.52 -6.65 -20.66
CA VAL A 164 5.59 -7.66 -20.13
C VAL A 164 5.14 -8.60 -21.24
N MET A 165 5.23 -9.89 -20.98
CA MET A 165 4.69 -10.92 -21.86
C MET A 165 3.26 -11.24 -21.45
N LEU A 166 2.34 -11.16 -22.42
CA LEU A 166 0.93 -11.47 -22.19
C LEU A 166 0.48 -12.60 -23.11
N ASP A 167 -0.48 -13.40 -22.63
CA ASP A 167 -1.00 -14.53 -23.38
C ASP A 167 -2.09 -14.07 -24.33
N GLY A 168 -1.77 -14.05 -25.62
CA GLY A 168 -2.71 -13.60 -26.65
C GLY A 168 -3.87 -14.54 -26.90
N SER A 169 -3.73 -15.80 -26.47
CA SER A 169 -4.75 -16.82 -26.70
C SER A 169 -5.94 -16.74 -25.73
N ARG A 170 -5.78 -16.00 -24.65
CA ARG A 170 -6.81 -15.93 -23.61
C ARG A 170 -7.85 -14.84 -23.86
N SER A 171 -8.99 -14.99 -23.18
CA SER A 171 -10.16 -14.15 -23.37
C SER A 171 -9.85 -12.71 -23.03
N LYS A 172 -9.22 -12.52 -21.89
CA LYS A 172 -8.68 -11.23 -21.50
C LYS A 172 -7.17 -11.34 -21.61
N ILE A 173 -6.61 -10.79 -22.68
CA ILE A 173 -5.16 -10.77 -22.89
C ILE A 173 -4.50 -10.00 -21.74
N PHE A 174 -5.00 -8.81 -21.46
CA PHE A 174 -4.72 -8.13 -20.20
C PHE A 174 -5.94 -8.31 -19.29
N ASP A 175 -5.74 -8.92 -18.14
CA ASP A 175 -6.80 -9.13 -17.16
C ASP A 175 -6.54 -8.25 -15.93
N LYS A 176 -7.40 -7.27 -15.71
CA LYS A 176 -7.20 -6.35 -14.59
C LYS A 176 -7.34 -7.07 -13.22
N ASP A 177 -8.01 -8.21 -13.19
CA ASP A 177 -8.18 -8.96 -11.95
C ASP A 177 -7.07 -10.00 -11.72
N SER A 178 -6.12 -10.08 -12.63
CA SER A 178 -4.96 -10.95 -12.42
C SER A 178 -3.98 -10.29 -11.45
N THR A 179 -3.00 -11.05 -10.97
CA THR A 179 -1.99 -10.48 -10.08
C THR A 179 -1.22 -9.40 -10.82
N PHE A 180 -0.92 -9.63 -12.09
CA PHE A 180 -0.24 -8.62 -12.88
C PHE A 180 -1.06 -7.33 -12.93
N GLY A 181 -2.34 -7.46 -13.26
CA GLY A 181 -3.22 -6.31 -13.35
C GLY A 181 -3.56 -5.63 -12.04
N SER A 182 -3.55 -6.37 -10.93
CA SER A 182 -3.94 -5.83 -9.62
C SER A 182 -2.75 -5.40 -8.72
N VAL A 183 -1.56 -5.94 -8.94
CA VAL A 183 -0.39 -5.63 -8.11
C VAL A 183 0.72 -4.97 -8.93
N GLU A 184 1.27 -5.71 -9.89
CA GLU A 184 2.48 -5.24 -10.59
C GLU A 184 2.25 -3.90 -11.30
N VAL A 185 1.19 -3.84 -12.10
CA VAL A 185 0.81 -2.61 -12.84
C VAL A 185 0.71 -1.36 -11.97
N HIS A 186 0.17 -1.51 -10.76
CA HIS A 186 -0.05 -0.37 -9.87
C HIS A 186 1.14 -0.08 -8.94
N ASN A 187 2.24 -0.79 -9.14
CA ASN A 187 3.49 -0.53 -8.40
C ASN A 187 4.69 -0.17 -9.28
N LEU A 188 4.45 0.00 -10.56
CA LEU A 188 5.41 0.67 -11.45
C LEU A 188 5.48 2.15 -11.08
N GLN A 189 6.70 2.63 -10.81
CA GLN A 189 6.90 3.96 -10.27
C GLN A 189 6.95 5.01 -11.38
N PRO A 190 6.06 6.01 -11.34
CA PRO A 190 5.99 7.09 -12.33
C PRO A 190 7.29 7.90 -12.47
N GLU A 191 8.06 8.00 -11.39
CA GLU A 191 9.33 8.75 -11.41
C GLU A 191 10.42 7.97 -12.16
N LYS A 192 10.28 6.64 -12.26
CA LYS A 192 11.33 5.77 -12.79
C LYS A 192 11.02 5.12 -14.15
N VAL A 193 9.78 4.71 -14.35
CA VAL A 193 9.43 3.93 -15.55
C VAL A 193 9.02 4.84 -16.69
N GLN A 194 9.69 4.68 -17.82
CA GLN A 194 9.49 5.48 -18.99
C GLN A 194 8.39 4.88 -19.86
N THR A 195 8.47 3.58 -20.08
CA THR A 195 7.55 2.85 -20.97
C THR A 195 7.29 1.46 -20.44
N LEU A 196 6.07 0.96 -20.62
CA LEU A 196 5.79 -0.45 -20.42
C LEU A 196 5.54 -0.98 -21.82
N GLU A 197 6.33 -1.96 -22.24
CA GLU A 197 6.14 -2.52 -23.56
C GLU A 197 5.59 -3.92 -23.40
N ALA A 198 4.41 -4.17 -23.96
CA ALA A 198 3.78 -5.50 -23.91
C ALA A 198 4.23 -6.32 -25.11
N TRP A 199 4.53 -7.60 -24.89
CA TRP A 199 4.75 -8.55 -25.96
C TRP A 199 3.60 -9.55 -25.90
N VAL A 200 2.74 -9.51 -26.90
CA VAL A 200 1.54 -10.33 -26.93
C VAL A 200 1.84 -11.60 -27.69
N ILE A 201 1.83 -12.72 -26.97
CA ILE A 201 2.22 -14.00 -27.53
C ILE A 201 1.01 -14.69 -28.14
N HIS A 202 1.11 -15.03 -29.42
CA HIS A 202 0.02 -15.72 -30.13
C HIS A 202 0.11 -17.21 -29.89
N GLY A 203 -1.07 -17.84 -29.75
CA GLY A 203 -1.17 -19.29 -29.60
C GLY A 203 -1.51 -19.96 -30.90
N GLY A 204 -2.27 -19.28 -31.76
CA GLY A 204 -2.67 -19.82 -33.06
C GLY A 204 -1.58 -19.56 -34.09
N ARG A 205 -1.45 -20.48 -35.05
CA ARG A 205 -0.49 -20.34 -36.13
C ARG A 205 -1.03 -19.42 -37.24
N GLU A 206 -2.30 -19.60 -37.59
CA GLU A 206 -2.96 -18.78 -38.62
C GLU A 206 -3.69 -17.55 -38.06
N ASP A 207 -3.49 -17.27 -36.76
CA ASP A 207 -4.07 -16.09 -36.12
C ASP A 207 -3.15 -14.87 -36.26
N SER A 208 -3.30 -14.16 -37.36
CA SER A 208 -2.49 -12.97 -37.64
C SER A 208 -3.28 -11.68 -37.41
N ARG A 209 -4.20 -11.68 -36.44
CA ARG A 209 -4.79 -10.44 -35.96
C ARG A 209 -3.73 -9.60 -35.26
N ASP A 210 -3.86 -8.28 -35.34
CA ASP A 210 -3.03 -7.39 -34.54
C ASP A 210 -3.66 -7.31 -33.15
N LEU A 211 -3.19 -8.16 -32.26
CA LEU A 211 -3.75 -8.24 -30.91
C LEU A 211 -3.36 -7.06 -30.03
N CYS A 212 -2.45 -6.22 -30.52
CA CYS A 212 -2.14 -4.95 -29.84
C CYS A 212 -3.27 -3.93 -29.97
N GLN A 213 -4.30 -4.22 -30.76
CA GLN A 213 -5.48 -3.37 -30.80
C GLN A 213 -6.65 -3.97 -30.05
N ASP A 214 -6.40 -5.04 -29.30
CA ASP A 214 -7.45 -5.66 -28.50
C ASP A 214 -7.92 -4.67 -27.41
N PRO A 215 -9.23 -4.60 -27.16
CA PRO A 215 -9.78 -3.73 -26.13
C PRO A 215 -9.05 -3.76 -24.78
N THR A 216 -8.64 -4.95 -24.34
CA THR A 216 -7.96 -5.06 -23.03
C THR A 216 -6.55 -4.47 -23.06
N ILE A 217 -5.92 -4.45 -24.24
CA ILE A 217 -4.61 -3.82 -24.39
C ILE A 217 -4.78 -2.29 -24.31
N LYS A 218 -5.83 -1.78 -24.94
CA LYS A 218 -6.17 -0.37 -24.83
C LYS A 218 -6.47 -0.01 -23.37
N GLU A 219 -7.12 -0.91 -22.65
CA GLU A 219 -7.37 -0.70 -21.23
C GLU A 219 -6.06 -0.53 -20.48
N LEU A 220 -5.13 -1.46 -20.68
CA LEU A 220 -3.79 -1.37 -20.07
C LEU A 220 -3.09 -0.07 -20.38
N GLU A 221 -3.08 0.28 -21.66
CA GLU A 221 -2.49 1.53 -22.12
C GLU A 221 -3.04 2.72 -21.35
N SER A 222 -4.36 2.78 -21.27
CA SER A 222 -5.06 3.87 -20.59
C SER A 222 -4.74 3.90 -19.08
N ILE A 223 -4.72 2.74 -18.43
CA ILE A 223 -4.43 2.68 -16.99
C ILE A 223 -3.03 3.21 -16.71
N ILE A 224 -2.09 2.76 -17.52
CA ILE A 224 -0.68 3.10 -17.39
C ILE A 224 -0.40 4.61 -17.66
N SER A 225 -1.14 5.21 -18.59
CA SER A 225 -0.97 6.64 -18.89
C SER A 225 -1.18 7.54 -17.67
N LYS A 226 -2.06 7.12 -16.74
CA LYS A 226 -2.25 7.89 -15.51
C LYS A 226 -0.95 7.98 -14.69
N ARG A 227 -0.17 6.90 -14.67
CA ARG A 227 1.14 6.93 -14.01
C ARG A 227 2.20 7.64 -14.85
N ASN A 228 1.77 8.43 -15.84
CA ASN A 228 2.67 9.07 -16.76
C ASN A 228 3.70 8.08 -17.29
N ILE A 229 3.22 6.91 -17.68
CA ILE A 229 4.08 5.89 -18.27
C ILE A 229 3.60 5.66 -19.70
N GLN A 230 4.53 5.70 -20.65
CA GLN A 230 4.23 5.47 -22.05
C GLN A 230 3.95 4.00 -22.30
N PHE A 231 3.28 3.72 -23.41
CA PHE A 231 2.94 2.34 -23.74
C PHE A 231 3.37 1.97 -25.15
N SER A 232 3.84 0.74 -25.26
CA SER A 232 4.28 0.17 -26.51
C SER A 232 3.80 -1.28 -26.53
N CYS A 233 3.50 -1.78 -27.73
CA CYS A 233 3.00 -3.16 -27.87
C CYS A 233 3.54 -3.82 -29.14
N LYS A 234 3.88 -5.10 -29.02
CA LYS A 234 4.42 -5.90 -30.11
C LYS A 234 3.74 -7.25 -30.13
N ASN A 235 3.34 -7.71 -31.32
CA ASN A 235 2.82 -9.06 -31.50
C ASN A 235 4.00 -10.02 -31.63
N ILE A 236 3.99 -11.10 -30.86
CA ILE A 236 4.84 -12.25 -31.16
C ILE A 236 3.97 -13.30 -31.83
N TYR A 237 3.96 -13.27 -33.16
CA TYR A 237 3.15 -14.19 -33.95
C TYR A 237 3.61 -15.64 -33.82
N ARG A 238 4.92 -15.86 -33.83
CA ARG A 238 5.49 -17.21 -33.84
C ARG A 238 6.47 -17.38 -32.70
N PRO A 239 5.98 -17.83 -31.51
CA PRO A 239 6.82 -17.95 -30.32
C PRO A 239 8.02 -18.87 -30.50
N ASP A 240 7.85 -19.95 -31.25
CA ASP A 240 8.97 -20.86 -31.51
C ASP A 240 10.06 -20.21 -32.36
N LYS A 241 9.66 -19.43 -33.36
CA LYS A 241 10.59 -18.64 -34.16
C LYS A 241 11.23 -17.52 -33.32
N PHE A 242 10.46 -16.93 -32.42
CA PHE A 242 10.96 -15.92 -31.49
C PHE A 242 12.15 -16.45 -30.70
N LEU A 243 11.97 -17.58 -30.02
CA LEU A 243 13.05 -18.17 -29.23
C LEU A 243 14.25 -18.52 -30.10
N GLN A 244 13.99 -19.06 -31.29
CA GLN A 244 15.07 -19.33 -32.23
C GLN A 244 15.86 -18.07 -32.50
N CYS A 245 15.16 -16.96 -32.75
CA CYS A 245 15.82 -15.67 -33.01
C CYS A 245 16.57 -15.15 -31.79
N VAL A 246 15.98 -15.35 -30.62
CA VAL A 246 16.65 -14.96 -29.38
C VAL A 246 17.96 -15.76 -29.18
N LYS A 247 17.95 -17.05 -29.51
CA LYS A 247 19.15 -17.89 -29.40
C LYS A 247 20.21 -17.52 -30.44
N ASN A 248 19.75 -17.25 -31.66
CA ASN A 248 20.61 -16.98 -32.81
C ASN A 248 20.28 -15.62 -33.44
N PRO A 249 20.56 -14.52 -32.73
CA PRO A 249 20.11 -13.18 -33.16
C PRO A 249 20.84 -12.60 -34.38
N GLU A 250 22.03 -13.12 -34.70
CA GLU A 250 22.79 -12.63 -35.85
C GLU A 250 22.26 -13.23 -37.16
N ASP A 251 21.34 -14.19 -37.05
CA ASP A 251 20.64 -14.75 -38.20
C ASP A 251 19.90 -13.65 -38.96
N SER A 252 19.93 -13.75 -40.29
CA SER A 252 19.35 -12.72 -41.16
C SER A 252 17.82 -12.63 -41.05
N SER A 253 17.18 -13.80 -40.99
CA SER A 253 15.71 -13.88 -40.90
C SER A 253 15.15 -13.33 -39.59
N CYS A 254 16.04 -13.06 -38.63
CA CYS A 254 15.66 -12.51 -37.34
C CYS A 254 15.89 -11.01 -37.27
N PHE B 2 -20.28 -10.16 -12.62
CA PHE B 2 -21.26 -9.04 -12.66
C PHE B 2 -21.64 -8.62 -11.25
N ARG B 3 -22.92 -8.42 -10.97
CA ARG B 3 -23.31 -7.70 -9.75
C ARG B 3 -23.14 -8.44 -8.42
N TRP B 4 -22.75 -9.71 -8.44
CA TRP B 4 -22.55 -10.50 -7.22
C TRP B 4 -21.12 -10.40 -6.65
N ARG B 5 -20.22 -9.74 -7.38
CA ARG B 5 -18.81 -9.62 -6.99
C ARG B 5 -18.47 -8.19 -6.65
N GLN B 6 -17.79 -7.97 -5.55
CA GLN B 6 -17.31 -6.64 -5.22
C GLN B 6 -15.84 -6.56 -5.57
N THR B 7 -15.39 -5.37 -5.97
CA THR B 7 -14.02 -5.21 -6.43
C THR B 7 -13.00 -5.13 -5.29
N TRP B 8 -13.40 -4.58 -4.14
CA TRP B 8 -12.46 -4.25 -3.06
C TRP B 8 -12.82 -4.87 -1.73
N SER B 9 -11.88 -4.84 -0.79
CA SER B 9 -12.07 -5.45 0.54
C SER B 9 -12.62 -4.48 1.58
N GLY B 10 -12.45 -3.18 1.34
CA GLY B 10 -12.86 -2.18 2.33
C GLY B 10 -14.30 -1.72 2.17
N PRO B 11 -14.80 -0.97 3.16
CA PRO B 11 -16.14 -0.38 3.03
C PRO B 11 -16.26 0.54 1.81
N GLY B 12 -17.45 0.61 1.25
CA GLY B 12 -17.67 1.48 0.11
C GLY B 12 -17.79 2.93 0.50
N THR B 13 -18.05 3.76 -0.49
CA THR B 13 -18.28 5.18 -0.28
C THR B 13 -19.47 5.38 0.66
N THR B 14 -19.28 6.23 1.66
CA THR B 14 -20.35 6.58 2.58
C THR B 14 -21.60 7.02 1.83
N LYS B 15 -22.76 6.54 2.28
CA LYS B 15 -24.01 6.87 1.63
C LYS B 15 -24.20 8.39 1.58
N ARG B 16 -24.73 8.88 0.46
CA ARG B 16 -25.02 10.31 0.27
C ARG B 16 -23.76 11.18 0.45
N PHE B 17 -22.63 10.66 -0.03
CA PHE B 17 -21.32 11.31 0.16
C PHE B 17 -21.29 12.73 -0.43
N PRO B 18 -21.75 12.92 -1.67
CA PRO B 18 -21.75 14.26 -2.27
C PRO B 18 -22.56 15.27 -1.47
N GLU B 19 -23.78 14.88 -1.09
CA GLU B 19 -24.68 15.71 -0.29
C GLU B 19 -24.06 16.03 1.06
N THR B 20 -23.37 15.04 1.64
CA THR B 20 -22.74 15.21 2.94
C THR B 20 -21.56 16.19 2.85
N VAL B 21 -20.71 16.04 1.84
CA VAL B 21 -19.58 16.96 1.66
C VAL B 21 -20.07 18.39 1.40
N LEU B 22 -21.04 18.54 0.50
CA LEU B 22 -21.63 19.84 0.23
C LEU B 22 -22.21 20.44 1.52
N ALA B 23 -23.01 19.66 2.24
CA ALA B 23 -23.65 20.14 3.48
C ALA B 23 -22.63 20.47 4.58
N ARG B 24 -21.54 19.72 4.65
CA ARG B 24 -20.48 20.03 5.61
C ARG B 24 -19.73 21.31 5.23
N CYS B 25 -19.53 21.52 3.94
CA CYS B 25 -18.85 22.73 3.45
C CYS B 25 -19.66 23.98 3.81
N VAL B 26 -20.96 23.92 3.60
CA VAL B 26 -21.86 25.03 3.94
C VAL B 26 -21.84 25.31 5.44
N LYS B 27 -22.01 24.26 6.24
CA LYS B 27 -22.02 24.39 7.70
C LYS B 27 -20.72 25.00 8.22
N TYR B 28 -19.59 24.50 7.72
CA TYR B 28 -18.27 25.01 8.14
C TYR B 28 -18.09 26.49 7.83
N THR B 29 -18.56 26.93 6.67
CA THR B 29 -18.41 28.33 6.24
C THR B 29 -19.29 29.26 7.08
N GLU B 30 -20.47 28.78 7.47
CA GLU B 30 -21.36 29.51 8.37
C GLU B 30 -20.75 29.71 9.76
N ILE B 31 -20.09 28.66 10.27
CA ILE B 31 -19.46 28.70 11.58
C ILE B 31 -18.15 29.49 11.59
N HIS B 32 -17.41 29.45 10.48
CA HIS B 32 -16.12 30.14 10.38
C HIS B 32 -16.15 31.26 9.35
N PRO B 33 -16.20 32.52 9.82
CA PRO B 33 -16.35 33.67 8.91
C PRO B 33 -15.16 33.90 7.96
N GLU B 34 -13.97 33.44 8.34
CA GLU B 34 -12.78 33.57 7.49
C GLU B 34 -12.77 32.65 6.26
N MET B 35 -13.76 31.77 6.13
CA MET B 35 -13.86 30.82 5.00
C MET B 35 -15.19 30.92 4.23
N ARG B 36 -15.91 32.02 4.40
CA ARG B 36 -17.23 32.18 3.79
C ARG B 36 -17.17 32.43 2.29
N HIS B 37 -16.02 32.93 1.82
CA HIS B 37 -15.78 33.14 0.38
C HIS B 37 -15.90 31.89 -0.48
N VAL B 38 -15.65 30.73 0.13
CA VAL B 38 -15.62 29.44 -0.57
C VAL B 38 -16.91 29.17 -1.32
N ASP B 39 -16.78 28.84 -2.60
CA ASP B 39 -17.90 28.34 -3.38
C ASP B 39 -17.94 26.84 -3.13
N CYS B 40 -18.87 26.43 -2.26
CA CYS B 40 -18.97 25.05 -1.85
C CYS B 40 -19.19 24.07 -3.00
N GLN B 41 -19.94 24.50 -4.02
CA GLN B 41 -20.08 23.70 -5.23
C GLN B 41 -18.72 23.49 -5.91
N SER B 42 -17.89 24.54 -5.92
CA SER B 42 -16.56 24.47 -6.50
C SER B 42 -15.67 23.49 -5.71
N VAL B 43 -15.74 23.58 -4.38
CA VAL B 43 -15.05 22.66 -3.49
C VAL B 43 -15.40 21.21 -3.84
N TRP B 44 -16.70 20.94 -4.00
CA TRP B 44 -17.16 19.60 -4.34
C TRP B 44 -16.71 19.16 -5.75
N ASP B 45 -16.76 20.06 -6.72
CA ASP B 45 -16.26 19.71 -8.07
C ASP B 45 -14.78 19.32 -8.03
N ALA B 46 -14.00 20.05 -7.23
CA ALA B 46 -12.57 19.78 -7.07
C ALA B 46 -12.31 18.47 -6.30
N PHE B 47 -13.11 18.21 -5.27
CA PHE B 47 -12.99 16.97 -4.50
C PHE B 47 -13.28 15.79 -5.42
N LYS B 48 -14.48 15.83 -6.00
CA LYS B 48 -14.94 14.83 -6.96
C LYS B 48 -13.91 14.63 -8.07
N GLY B 49 -13.37 15.73 -8.57
CA GLY B 49 -12.41 15.70 -9.66
C GLY B 49 -11.13 14.96 -9.34
N ALA B 50 -10.75 14.93 -8.07
CA ALA B 50 -9.54 14.23 -7.62
C ALA B 50 -9.58 12.72 -7.78
N PHE B 51 -10.77 12.12 -7.71
CA PHE B 51 -10.88 10.65 -7.69
C PHE B 51 -11.88 10.02 -8.68
N ILE B 52 -12.83 10.78 -9.20
CA ILE B 52 -13.81 10.23 -10.13
C ILE B 52 -13.13 9.91 -11.46
N SER B 53 -13.55 8.79 -12.07
CA SER B 53 -13.02 8.30 -13.34
C SER B 53 -11.50 8.09 -13.29
N LYS B 54 -11.02 7.66 -12.12
CA LYS B 54 -9.59 7.34 -11.92
C LYS B 54 -9.52 6.03 -11.19
N HIS B 55 -8.49 5.24 -11.49
CA HIS B 55 -8.29 3.98 -10.82
C HIS B 55 -7.92 4.26 -9.36
N PRO B 56 -8.67 3.69 -8.41
CA PRO B 56 -8.47 4.01 -7.01
C PRO B 56 -7.21 3.42 -6.34
N CYS B 57 -6.28 2.87 -7.11
CA CYS B 57 -4.95 2.52 -6.64
C CYS B 57 -3.86 3.43 -7.26
N ASP B 58 -4.27 4.36 -8.12
CA ASP B 58 -3.33 5.23 -8.85
C ASP B 58 -3.51 6.72 -8.49
N ILE B 59 -4.19 6.98 -7.40
CA ILE B 59 -4.36 8.36 -6.93
C ILE B 59 -3.02 8.92 -6.44
N THR B 60 -2.75 10.20 -6.76
CA THR B 60 -1.55 10.89 -6.29
C THR B 60 -1.94 12.19 -5.59
N GLU B 61 -0.97 12.79 -4.90
CA GLU B 61 -1.18 14.09 -4.24
C GLU B 61 -1.58 15.15 -5.27
N GLU B 62 -1.02 15.08 -6.49
CA GLU B 62 -1.36 16.00 -7.57
C GLU B 62 -2.86 16.03 -7.82
N ASP B 63 -3.50 14.87 -7.76
CA ASP B 63 -4.95 14.76 -7.99
C ASP B 63 -5.76 15.66 -7.05
N TYR B 64 -5.26 15.88 -5.84
CA TYR B 64 -5.97 16.70 -4.84
C TYR B 64 -5.55 18.16 -4.80
N GLN B 65 -4.65 18.57 -5.68
CA GLN B 65 -4.12 19.93 -5.61
C GLN B 65 -5.18 21.00 -5.90
N PRO B 66 -6.06 20.77 -6.89
CA PRO B 66 -7.15 21.73 -7.06
C PRO B 66 -8.00 21.91 -5.81
N LEU B 67 -8.33 20.83 -5.10
CA LEU B 67 -9.04 20.93 -3.82
C LEU B 67 -8.22 21.66 -2.75
N MET B 68 -6.93 21.34 -2.65
CA MET B 68 -6.04 21.99 -1.67
C MET B 68 -6.01 23.51 -1.87
N LYS B 69 -6.01 23.95 -3.12
CA LYS B 69 -5.97 25.38 -3.44
C LYS B 69 -7.26 26.08 -3.02
N LEU B 70 -8.40 25.49 -3.33
CA LEU B 70 -9.70 26.02 -2.90
C LEU B 70 -9.90 25.92 -1.40
N GLY B 71 -9.25 24.94 -0.76
CA GLY B 71 -9.31 24.78 0.68
C GLY B 71 -8.22 25.50 1.46
N THR B 72 -7.47 26.40 0.80
CA THR B 72 -6.40 27.15 1.46
C THR B 72 -6.91 27.84 2.73
N GLN B 73 -6.20 27.66 3.84
CA GLN B 73 -6.64 28.18 5.13
C GLN B 73 -5.47 28.38 6.09
N THR B 74 -5.50 29.50 6.79
CA THR B 74 -4.49 29.84 7.77
C THR B 74 -4.97 29.47 9.17
N VAL B 75 -4.13 28.72 9.89
CA VAL B 75 -4.33 28.47 11.31
C VAL B 75 -3.10 28.98 12.06
N PRO B 76 -3.28 29.42 13.31
CA PRO B 76 -2.09 29.83 14.08
C PRO B 76 -1.16 28.62 14.27
N CYS B 77 0.06 28.72 13.77
CA CYS B 77 1.00 27.60 13.74
C CYS B 77 1.40 27.11 15.11
N ASN B 78 1.26 27.97 16.13
CA ASN B 78 1.59 27.62 17.51
C ASN B 78 0.44 26.96 18.30
N LYS B 79 -0.69 26.71 17.65
CA LYS B 79 -1.88 26.17 18.32
C LYS B 79 -2.35 24.86 17.69
N ILE B 80 -1.41 24.04 17.21
CA ILE B 80 -1.75 22.83 16.49
C ILE B 80 -1.74 21.62 17.42
N LEU B 81 -2.78 20.80 17.31
CA LEU B 81 -2.89 19.55 18.05
C LEU B 81 -2.94 18.39 17.08
N LEU B 82 -1.88 17.58 17.07
CA LEU B 82 -1.87 16.37 16.26
C LEU B 82 -2.41 15.23 17.11
N TRP B 83 -2.80 14.14 16.46
CA TRP B 83 -3.22 12.94 17.19
C TRP B 83 -2.87 11.67 16.43
N SER B 84 -2.71 10.59 17.18
CA SER B 84 -2.55 9.25 16.63
C SER B 84 -3.52 8.30 17.34
N ARG B 85 -4.45 7.74 16.55
CA ARG B 85 -5.43 6.74 16.99
C ARG B 85 -6.38 7.14 18.13
N ILE B 86 -6.35 8.40 18.56
CA ILE B 86 -7.17 8.83 19.70
C ILE B 86 -7.87 10.12 19.32
N LYS B 87 -8.63 10.03 18.23
CA LYS B 87 -9.24 11.17 17.58
C LYS B 87 -10.37 11.77 18.43
N ASP B 88 -11.15 10.93 19.10
CA ASP B 88 -12.29 11.41 19.88
C ASP B 88 -11.92 12.39 20.99
N LEU B 89 -10.89 12.08 21.77
CA LEU B 89 -10.44 12.98 22.84
C LEU B 89 -9.82 14.26 22.28
N ALA B 90 -9.05 14.14 21.19
CA ALA B 90 -8.44 15.30 20.56
C ALA B 90 -9.52 16.33 20.16
N HIS B 91 -10.59 15.83 19.54
CA HIS B 91 -11.70 16.68 19.10
C HIS B 91 -12.48 17.28 20.27
N GLN B 92 -12.78 16.45 21.27
CA GLN B 92 -13.44 16.95 22.48
C GLN B 92 -12.61 18.07 23.11
N PHE B 93 -11.28 17.90 23.10
CA PHE B 93 -10.36 18.90 23.66
C PHE B 93 -10.49 20.25 22.96
N THR B 94 -10.49 20.23 21.63
CA THR B 94 -10.55 21.49 20.86
C THR B 94 -11.97 22.08 20.78
N GLN B 95 -12.98 21.30 21.13
CA GLN B 95 -14.34 21.81 21.28
C GLN B 95 -14.48 22.68 22.54
N VAL B 96 -13.76 22.32 23.60
CA VAL B 96 -13.80 23.08 24.85
C VAL B 96 -12.71 24.16 24.90
N GLN B 97 -11.56 23.86 24.30
CA GLN B 97 -10.48 24.83 24.16
C GLN B 97 -10.39 25.26 22.70
N ARG B 98 -11.20 26.25 22.35
CA ARG B 98 -11.47 26.60 20.95
C ARG B 98 -10.35 27.37 20.23
N ASP B 99 -9.28 27.70 20.93
CA ASP B 99 -8.12 28.35 20.28
C ASP B 99 -7.13 27.33 19.67
N MET B 100 -7.28 26.05 20.00
CA MET B 100 -6.42 24.98 19.49
C MET B 100 -7.09 24.29 18.30
N PHE B 101 -6.28 23.86 17.32
CA PHE B 101 -6.79 23.21 16.10
C PHE B 101 -6.23 21.82 15.88
N THR B 102 -7.12 20.86 15.62
CA THR B 102 -6.72 19.60 15.00
C THR B 102 -6.99 19.71 13.51
N LEU B 103 -6.51 18.73 12.75
CA LEU B 103 -6.67 18.74 11.30
C LEU B 103 -8.15 18.81 10.92
N GLU B 104 -8.98 18.16 11.72
CA GLU B 104 -10.42 18.09 11.44
C GLU B 104 -11.16 19.36 11.82
N ASP B 105 -10.46 20.31 12.42
CA ASP B 105 -11.01 21.63 12.70
C ASP B 105 -10.80 22.60 11.53
N THR B 106 -9.97 22.21 10.56
CA THR B 106 -9.83 22.96 9.30
C THR B 106 -10.97 22.53 8.37
N LEU B 107 -11.27 23.32 7.35
CA LEU B 107 -12.33 23.00 6.39
C LEU B 107 -12.14 21.62 5.71
N LEU B 108 -10.97 21.39 5.13
CA LEU B 108 -10.72 20.13 4.40
C LEU B 108 -10.82 18.90 5.30
N GLY B 109 -10.24 18.96 6.49
CA GLY B 109 -10.35 17.88 7.47
C GLY B 109 -11.78 17.66 7.93
N TYR B 110 -12.49 18.77 8.16
CA TYR B 110 -13.90 18.72 8.56
C TYR B 110 -14.77 18.07 7.49
N LEU B 111 -14.47 18.34 6.23
CA LEU B 111 -15.23 17.77 5.11
C LEU B 111 -15.09 16.24 5.02
N ALA B 112 -13.88 15.75 5.21
CA ALA B 112 -13.58 14.33 5.00
C ALA B 112 -13.73 13.46 6.25
N ASP B 113 -13.84 14.07 7.43
CA ASP B 113 -13.78 13.32 8.71
C ASP B 113 -14.78 12.16 8.76
N ASP B 114 -14.27 10.96 9.00
CA ASP B 114 -15.07 9.73 9.12
C ASP B 114 -15.70 9.24 7.81
N LEU B 115 -15.33 9.81 6.66
CA LEU B 115 -15.97 9.38 5.41
C LEU B 115 -15.03 8.48 4.61
N THR B 116 -15.63 7.69 3.73
CA THR B 116 -14.88 6.87 2.79
C THR B 116 -15.41 7.18 1.41
N TRP B 117 -14.53 7.12 0.41
CA TRP B 117 -14.95 7.38 -0.94
C TRP B 117 -13.96 6.74 -1.93
N CYS B 118 -14.47 6.39 -3.09
CA CYS B 118 -13.67 5.98 -4.23
C CYS B 118 -14.53 5.96 -5.49
N GLY B 119 -13.85 6.07 -6.62
CA GLY B 119 -14.48 5.96 -7.92
C GLY B 119 -14.03 4.73 -8.66
N GLU B 120 -14.07 4.80 -9.98
CA GLU B 120 -13.84 3.65 -10.82
C GLU B 120 -13.12 4.18 -12.05
N PHE B 121 -12.24 3.37 -12.62
CA PHE B 121 -11.51 3.78 -13.82
C PHE B 121 -12.41 3.87 -15.03
N ASP B 122 -13.32 2.90 -15.16
CA ASP B 122 -14.09 2.76 -16.41
C ASP B 122 -15.41 3.55 -16.45
N THR B 123 -15.70 4.33 -15.41
CA THR B 123 -16.93 5.12 -15.34
C THR B 123 -16.78 6.40 -14.53
N SER B 124 -17.81 7.23 -14.58
CA SER B 124 -17.91 8.42 -13.73
C SER B 124 -18.62 8.13 -12.41
N LYS B 125 -18.85 6.85 -12.09
CA LYS B 125 -19.63 6.49 -10.90
C LYS B 125 -18.82 6.50 -9.62
N ILE B 126 -19.47 6.88 -8.53
CA ILE B 126 -18.92 6.67 -7.20
C ILE B 126 -19.19 5.20 -6.87
N ASN B 127 -18.22 4.54 -6.24
CA ASN B 127 -18.40 3.15 -5.86
C ASN B 127 -18.94 3.09 -4.43
N TYR B 128 -20.23 2.76 -4.33
CA TYR B 128 -20.92 2.69 -3.02
C TYR B 128 -20.86 1.29 -2.41
N GLN B 129 -20.31 0.32 -3.13
CA GLN B 129 -20.27 -1.06 -2.62
C GLN B 129 -19.02 -1.40 -1.83
N SER B 130 -17.87 -0.94 -2.31
CA SER B 130 -16.58 -1.26 -1.73
C SER B 130 -15.52 -0.27 -2.19
N CYS B 131 -14.49 -0.09 -1.36
CA CYS B 131 -13.33 0.75 -1.69
C CYS B 131 -12.07 0.06 -1.19
N PRO B 132 -10.92 0.38 -1.78
CA PRO B 132 -9.71 -0.34 -1.37
C PRO B 132 -9.40 -0.24 0.12
N ASP B 133 -9.07 -1.38 0.72
CA ASP B 133 -8.46 -1.44 2.03
C ASP B 133 -6.96 -1.17 1.86
N TRP B 134 -6.40 -0.27 2.65
CA TRP B 134 -5.01 0.15 2.45
C TRP B 134 -3.99 -0.99 2.57
N ARG B 135 -4.31 -1.99 3.38
CA ARG B 135 -3.43 -3.12 3.60
C ARG B 135 -3.70 -4.28 2.64
N LYS B 136 -4.96 -4.63 2.45
CA LYS B 136 -5.31 -5.82 1.65
C LYS B 136 -5.32 -5.54 0.15
N ASP B 137 -5.58 -4.29 -0.23
CA ASP B 137 -5.77 -3.93 -1.64
C ASP B 137 -4.64 -3.04 -2.13
N CYS B 138 -4.68 -1.75 -1.82
CA CYS B 138 -3.62 -0.86 -2.27
C CYS B 138 -3.54 0.37 -1.36
N SER B 139 -2.31 0.84 -1.14
CA SER B 139 -2.08 1.96 -0.24
C SER B 139 -2.36 3.32 -0.87
N ASN B 140 -2.24 3.45 -2.19
CA ASN B 140 -2.50 4.74 -2.88
C ASN B 140 -3.94 4.89 -3.38
N ASN B 141 -4.85 4.93 -2.41
CA ASN B 141 -6.26 5.01 -2.69
C ASN B 141 -6.80 6.40 -2.35
N PRO B 142 -8.02 6.71 -2.79
CA PRO B 142 -8.51 8.08 -2.64
C PRO B 142 -8.48 8.61 -1.22
N VAL B 143 -8.84 7.78 -0.25
CA VAL B 143 -8.91 8.22 1.13
C VAL B 143 -7.54 8.37 1.74
N SER B 144 -6.69 7.34 1.62
CA SER B 144 -5.36 7.38 2.20
C SER B 144 -4.55 8.56 1.63
N VAL B 145 -4.60 8.72 0.31
CA VAL B 145 -3.81 9.79 -0.33
C VAL B 145 -4.30 11.19 0.09
N PHE B 146 -5.60 11.33 0.29
CA PHE B 146 -6.17 12.60 0.78
C PHE B 146 -5.57 12.98 2.13
N TRP B 147 -5.62 12.06 3.08
CA TRP B 147 -5.13 12.34 4.43
C TRP B 147 -3.62 12.53 4.45
N LYS B 148 -2.90 11.83 3.58
CA LYS B 148 -1.47 12.07 3.43
C LYS B 148 -1.20 13.49 2.97
N THR B 149 -1.92 13.96 1.95
CA THR B 149 -1.68 15.28 1.38
C THR B 149 -2.05 16.41 2.35
N VAL B 150 -3.24 16.33 2.94
CA VAL B 150 -3.70 17.36 3.87
C VAL B 150 -2.86 17.34 5.16
N SER B 151 -2.53 16.14 5.66
CA SER B 151 -1.69 15.98 6.86
C SER B 151 -0.31 16.61 6.69
N ARG B 152 0.28 16.40 5.53
CA ARG B 152 1.61 16.91 5.20
C ARG B 152 1.65 18.43 5.26
N ARG B 153 0.70 19.07 4.58
CA ARG B 153 0.60 20.54 4.60
C ARG B 153 0.37 21.08 6.01
N PHE B 154 -0.45 20.37 6.79
CA PHE B 154 -0.75 20.77 8.17
C PHE B 154 0.49 20.71 9.06
N ALA B 155 1.18 19.58 9.03
CA ALA B 155 2.41 19.40 9.81
C ALA B 155 3.47 20.40 9.38
N GLU B 156 3.52 20.69 8.08
CA GLU B 156 4.45 21.67 7.53
C GLU B 156 4.19 23.09 8.04
N ALA B 157 2.92 23.40 8.32
CA ALA B 157 2.55 24.72 8.81
C ALA B 157 2.88 24.91 10.29
N ALA B 158 2.99 23.81 11.04
CA ALA B 158 3.20 23.85 12.49
C ALA B 158 4.46 24.63 12.89
N CYS B 159 4.42 25.22 14.08
CA CYS B 159 5.57 25.98 14.59
C CYS B 159 5.56 26.07 16.10
N ASP B 160 6.69 26.48 16.67
CA ASP B 160 6.84 26.64 18.11
C ASP B 160 6.64 25.30 18.84
N VAL B 161 5.62 25.20 19.70
CA VAL B 161 5.34 23.94 20.39
C VAL B 161 4.18 23.26 19.69
N VAL B 162 4.42 22.04 19.21
CA VAL B 162 3.35 21.24 18.63
C VAL B 162 2.98 20.14 19.62
N HIS B 163 1.68 19.98 19.87
CA HIS B 163 1.22 18.95 20.79
C HIS B 163 0.64 17.78 20.01
N VAL B 164 0.80 16.57 20.53
CA VAL B 164 0.24 15.37 19.91
C VAL B 164 -0.32 14.45 20.98
N MET B 165 -1.57 14.01 20.82
CA MET B 165 -2.15 13.00 21.69
C MET B 165 -1.91 11.62 21.08
N LEU B 166 -1.44 10.69 21.91
CA LEU B 166 -1.19 9.31 21.50
C LEU B 166 -1.98 8.36 22.40
N ASP B 167 -2.43 7.25 21.85
CA ASP B 167 -3.22 6.27 22.60
C ASP B 167 -2.30 5.37 23.43
N GLY B 168 -2.31 5.58 24.75
CA GLY B 168 -1.53 4.77 25.67
C GLY B 168 -2.12 3.40 25.99
N SER B 169 -3.31 3.11 25.47
CA SER B 169 -3.96 1.82 25.74
C SER B 169 -3.57 0.72 24.77
N ARG B 170 -3.15 1.09 23.55
CA ARG B 170 -2.86 0.11 22.50
C ARG B 170 -1.40 -0.38 22.52
N SER B 171 -1.13 -1.40 21.70
CA SER B 171 0.14 -2.12 21.70
C SER B 171 1.32 -1.24 21.32
N LYS B 172 1.25 -0.60 20.16
CA LYS B 172 2.28 0.34 19.70
C LYS B 172 1.80 1.76 19.93
N ILE B 173 2.19 2.36 21.06
CA ILE B 173 1.74 3.71 21.42
C ILE B 173 2.12 4.70 20.32
N PHE B 174 3.35 4.57 19.82
CA PHE B 174 3.78 5.26 18.62
C PHE B 174 4.13 4.20 17.58
N ASP B 175 3.51 4.31 16.41
CA ASP B 175 3.81 3.42 15.29
C ASP B 175 4.45 4.22 14.17
N LYS B 176 5.75 4.00 13.96
CA LYS B 176 6.50 4.70 12.91
C LYS B 176 5.87 4.54 11.52
N ASP B 177 5.19 3.42 11.30
CA ASP B 177 4.59 3.10 10.01
C ASP B 177 3.17 3.65 9.85
N SER B 178 2.64 4.29 10.89
CA SER B 178 1.33 4.94 10.80
C SER B 178 1.43 6.23 9.99
N THR B 179 0.29 6.86 9.73
CA THR B 179 0.25 8.13 9.01
C THR B 179 0.92 9.20 9.84
N PHE B 180 0.58 9.26 11.12
CA PHE B 180 1.24 10.19 12.03
C PHE B 180 2.75 10.01 11.95
N GLY B 181 3.21 8.77 12.12
CA GLY B 181 4.64 8.47 12.13
C GLY B 181 5.37 8.69 10.82
N SER B 182 4.75 8.32 9.70
CA SER B 182 5.40 8.39 8.39
C SER B 182 5.23 9.74 7.67
N VAL B 183 4.13 10.45 7.94
CA VAL B 183 3.85 11.71 7.26
C VAL B 183 3.99 12.90 8.22
N GLU B 184 3.18 12.90 9.26
CA GLU B 184 3.09 14.07 10.13
C GLU B 184 4.40 14.34 10.87
N VAL B 185 4.97 13.31 11.50
CA VAL B 185 6.21 13.50 12.27
C VAL B 185 7.40 13.90 11.38
N HIS B 186 7.45 13.39 10.16
CA HIS B 186 8.56 13.67 9.27
C HIS B 186 8.43 14.99 8.51
N ASN B 187 7.31 15.69 8.70
CA ASN B 187 7.12 17.01 8.10
C ASN B 187 7.01 18.18 9.09
N LEU B 188 7.34 17.92 10.35
CA LEU B 188 7.55 18.99 11.32
C LEU B 188 8.90 19.63 11.00
N GLN B 189 8.93 20.93 10.79
CA GLN B 189 10.13 21.62 10.31
C GLN B 189 10.98 22.17 11.47
N PRO B 190 12.25 21.73 11.57
CA PRO B 190 13.18 22.19 12.61
C PRO B 190 13.36 23.71 12.72
N GLU B 191 13.23 24.42 11.59
CA GLU B 191 13.42 25.88 11.57
C GLU B 191 12.19 26.61 12.16
N LYS B 192 11.09 25.88 12.28
CA LYS B 192 9.78 26.41 12.63
C LYS B 192 9.30 25.85 13.98
N VAL B 193 9.55 24.56 14.19
CA VAL B 193 9.08 23.85 15.38
C VAL B 193 10.22 23.70 16.37
N GLN B 194 10.00 24.16 17.59
CA GLN B 194 11.00 24.05 18.66
C GLN B 194 10.82 22.76 19.43
N THR B 195 9.57 22.39 19.71
CA THR B 195 9.25 21.28 20.60
C THR B 195 8.03 20.47 20.13
N LEU B 196 8.11 19.15 20.26
CA LEU B 196 6.95 18.30 20.12
C LEU B 196 6.64 17.76 21.50
N GLU B 197 5.45 18.04 22.00
CA GLU B 197 5.04 17.53 23.31
C GLU B 197 3.99 16.46 23.12
N ALA B 198 4.32 15.23 23.56
CA ALA B 198 3.39 14.12 23.51
C ALA B 198 2.56 14.05 24.79
N TRP B 199 1.25 13.90 24.63
CA TRP B 199 0.38 13.55 25.75
C TRP B 199 -0.08 12.11 25.57
N VAL B 200 0.47 11.20 26.38
CA VAL B 200 0.09 9.80 26.31
C VAL B 200 -1.18 9.55 27.11
N ILE B 201 -2.28 9.28 26.41
CA ILE B 201 -3.58 9.10 27.03
C ILE B 201 -3.76 7.68 27.57
N HIS B 202 -3.85 7.57 28.90
CA HIS B 202 -4.16 6.31 29.58
C HIS B 202 -5.68 6.13 29.53
N GLY B 203 -6.17 5.74 28.35
CA GLY B 203 -7.61 5.73 28.07
C GLY B 203 -8.45 4.61 28.66
N GLY B 204 -7.81 3.50 29.05
CA GLY B 204 -8.55 2.30 29.43
C GLY B 204 -8.57 1.98 30.92
N ARG B 205 -7.90 0.88 31.28
CA ARG B 205 -7.85 0.41 32.66
C ARG B 205 -6.90 1.27 33.47
N GLU B 206 -7.09 1.27 34.80
CA GLU B 206 -6.26 2.04 35.70
C GLU B 206 -4.80 1.64 35.52
N ASP B 207 -4.00 2.55 35.01
CA ASP B 207 -2.60 2.30 34.69
C ASP B 207 -1.76 3.44 35.25
N SER B 208 -0.98 3.14 36.29
CA SER B 208 -0.13 4.16 36.93
C SER B 208 1.32 4.12 36.42
N ARG B 209 1.59 3.33 35.38
CA ARG B 209 2.93 3.24 34.82
C ARG B 209 3.32 4.53 34.10
N ASP B 210 4.62 4.81 34.07
CA ASP B 210 5.15 5.93 33.33
C ASP B 210 5.34 5.50 31.88
N LEU B 211 4.28 5.63 31.09
CA LEU B 211 4.30 5.22 29.67
C LEU B 211 5.22 6.08 28.79
N CYS B 212 5.74 7.19 29.32
CA CYS B 212 6.77 7.94 28.61
C CYS B 212 8.13 7.22 28.60
N GLN B 213 8.24 6.11 29.35
CA GLN B 213 9.42 5.23 29.29
C GLN B 213 9.17 4.01 28.39
N ASP B 214 8.01 3.99 27.74
CA ASP B 214 7.68 2.93 26.80
C ASP B 214 8.68 2.95 25.64
N PRO B 215 9.03 1.75 25.09
CA PRO B 215 10.01 1.71 24.00
C PRO B 215 9.63 2.51 22.75
N THR B 216 8.35 2.52 22.38
CA THR B 216 7.91 3.23 21.18
C THR B 216 7.95 4.74 21.38
N ILE B 217 7.75 5.19 22.62
CA ILE B 217 7.91 6.59 22.95
C ILE B 217 9.39 6.98 22.89
N LYS B 218 10.27 6.11 23.38
CA LYS B 218 11.71 6.31 23.30
C LYS B 218 12.17 6.33 21.84
N GLU B 219 11.51 5.53 21.00
CA GLU B 219 11.75 5.56 19.56
C GLU B 219 11.37 6.93 18.99
N LEU B 220 10.15 7.38 19.29
CA LEU B 220 9.68 8.69 18.83
C LEU B 220 10.65 9.78 19.27
N GLU B 221 11.10 9.68 20.51
CA GLU B 221 12.07 10.60 21.10
C GLU B 221 13.37 10.63 20.30
N SER B 222 13.87 9.46 19.94
CA SER B 222 15.09 9.35 19.14
C SER B 222 14.92 9.96 17.74
N ILE B 223 13.73 9.78 17.15
CA ILE B 223 13.40 10.34 15.84
C ILE B 223 13.29 11.86 15.88
N ILE B 224 12.57 12.39 16.85
CA ILE B 224 12.39 13.84 16.99
C ILE B 224 13.71 14.55 17.34
N SER B 225 14.51 13.92 18.20
CA SER B 225 15.83 14.46 18.57
C SER B 225 16.75 14.55 17.35
N LYS B 226 16.74 13.51 16.51
CA LYS B 226 17.56 13.47 15.29
C LYS B 226 17.17 14.50 14.23
N ARG B 227 16.03 15.17 14.41
CA ARG B 227 15.64 16.27 13.53
C ARG B 227 15.80 17.64 14.21
N ASN B 228 16.55 17.69 15.30
CA ASN B 228 16.84 18.93 16.01
C ASN B 228 15.59 19.62 16.58
N ILE B 229 14.64 18.81 17.05
CA ILE B 229 13.43 19.29 17.72
C ILE B 229 13.43 18.69 19.11
N GLN B 230 13.09 19.51 20.12
CA GLN B 230 13.00 19.03 21.51
C GLN B 230 11.78 18.15 21.70
N PHE B 231 11.95 17.10 22.50
CA PHE B 231 10.84 16.19 22.79
C PHE B 231 10.44 16.28 24.25
N SER B 232 9.13 16.36 24.47
CA SER B 232 8.53 16.43 25.79
C SER B 232 7.39 15.43 25.85
N CYS B 233 7.23 14.76 26.99
CA CYS B 233 6.19 13.73 27.14
C CYS B 233 5.46 13.88 28.48
N LYS B 234 4.14 13.81 28.45
CA LYS B 234 3.30 13.88 29.64
C LYS B 234 2.30 12.72 29.65
N ASN B 235 2.20 12.02 30.78
CA ASN B 235 1.16 11.02 30.98
C ASN B 235 -0.15 11.72 31.32
N ILE B 236 -1.20 11.44 30.59
CA ILE B 236 -2.55 11.80 31.02
C ILE B 236 -3.20 10.55 31.61
N TYR B 237 -3.05 10.41 32.92
CA TYR B 237 -3.50 9.21 33.63
C TYR B 237 -5.02 9.07 33.64
N ARG B 238 -5.74 10.19 33.73
CA ARG B 238 -7.20 10.17 33.85
C ARG B 238 -7.86 11.09 32.82
N PRO B 239 -8.17 10.56 31.62
CA PRO B 239 -8.75 11.35 30.53
C PRO B 239 -10.10 11.99 30.89
N ASP B 240 -10.89 11.31 31.72
CA ASP B 240 -12.18 11.82 32.18
C ASP B 240 -11.98 13.07 33.03
N LYS B 241 -11.06 12.97 34.00
CA LYS B 241 -10.72 14.11 34.86
C LYS B 241 -10.04 15.24 34.08
N PHE B 242 -9.21 14.86 33.10
CA PHE B 242 -8.52 15.82 32.24
C PHE B 242 -9.52 16.70 31.49
N LEU B 243 -10.51 16.07 30.87
CA LEU B 243 -11.56 16.80 30.14
C LEU B 243 -12.33 17.72 31.08
N GLN B 244 -12.68 17.19 32.25
CA GLN B 244 -13.39 17.99 33.27
C GLN B 244 -12.58 19.23 33.62
N CYS B 245 -11.27 19.06 33.79
CA CYS B 245 -10.39 20.19 34.13
C CYS B 245 -10.35 21.22 33.00
N VAL B 246 -10.21 20.76 31.76
CA VAL B 246 -10.13 21.66 30.62
C VAL B 246 -11.39 22.53 30.48
N LYS B 247 -12.55 21.92 30.68
CA LYS B 247 -13.83 22.65 30.64
C LYS B 247 -14.00 23.60 31.83
N ASN B 248 -13.70 23.10 33.02
CA ASN B 248 -13.89 23.85 34.27
C ASN B 248 -12.56 24.01 35.02
N PRO B 249 -11.67 24.88 34.50
CA PRO B 249 -10.31 25.00 35.04
C PRO B 249 -10.23 25.67 36.41
N GLU B 250 -11.34 26.23 36.88
CA GLU B 250 -11.39 26.84 38.21
C GLU B 250 -11.77 25.80 39.26
N ASP B 251 -10.99 24.71 39.32
CA ASP B 251 -11.13 23.68 40.34
C ASP B 251 -9.73 23.33 40.87
N SER B 252 -9.62 23.16 42.19
CA SER B 252 -8.33 22.90 42.85
C SER B 252 -7.77 21.52 42.55
N SER B 253 -8.65 20.59 42.15
CA SER B 253 -8.25 19.21 41.81
C SER B 253 -7.58 19.09 40.43
N CYS B 254 -7.07 20.21 39.89
CA CYS B 254 -6.58 20.26 38.52
C CYS B 254 -5.17 20.84 38.41
#